data_3CHV
#
_entry.id   3CHV
#
_cell.length_a   68.859
_cell.length_b   69.601
_cell.length_c   52.331
_cell.angle_alpha   90.000
_cell.angle_beta   94.190
_cell.angle_gamma   90.000
#
_symmetry.space_group_name_H-M   'C 1 2 1'
#
loop_
_entity.id
_entity.type
_entity.pdbx_description
1 polymer 'Prokaryotic domain of unknown function (DUF849) with a TIM barrel fold'
2 non-polymer 'ZINC ION'
3 non-polymer 'CHLORIDE ION'
4 water water
#
_entity_poly.entity_id   1
_entity_poly.type   'polypeptide(L)'
_entity_poly.pdbx_seq_one_letter_code
;G(MSE)DTPANKPCIICVAITGSVPTKADNPAVPITVSEQVESTQEAFEAGAAIAHCHVRNDDGTPSSDPDRFARLTEGL
HTHCPG(MSE)IVQFSTGGRSGAGQARGG(MSE)LPLKPD(MSE)ASLSVGSNNFPSRVYENPPDLVDWLAAQ(MSE)RS
YRVTPEIEAFDLSHILRAID(MSE)HGRGLLYGKLYVQFV(MSE)GVKNA(MSE)PADREVFDFYVR(MSE)(MSE)RTR
APQAEWCAAGIGANQLTVNEWAIAAGGHTRTGLEDNIRLDRQTLAPSNAALVRRSVELCDKYQRPVASWQQAREILGLPA
AARN
;
_entity_poly.pdbx_strand_id   A
#
loop_
_chem_comp.id
_chem_comp.type
_chem_comp.name
_chem_comp.formula
CL non-polymer 'CHLORIDE ION' 'Cl -1'
ZN non-polymer 'ZINC ION' 'Zn 2'
#
# COMPACT_ATOMS: atom_id res chain seq x y z
N ALA A 6 -8.81 21.30 3.08
CA ALA A 6 -7.48 21.57 2.44
C ALA A 6 -7.78 21.93 1.01
N ASN A 7 -8.83 21.24 0.60
CA ASN A 7 -9.22 21.12 -0.78
C ASN A 7 -8.17 20.32 -1.53
N LYS A 8 -7.09 19.93 -0.85
CA LYS A 8 -6.07 19.10 -1.57
C LYS A 8 -6.62 17.67 -1.80
N PRO A 9 -6.63 17.16 -3.05
CA PRO A 9 -7.16 15.81 -3.16
C PRO A 9 -6.36 14.78 -2.35
N CYS A 10 -7.11 13.80 -1.89
CA CYS A 10 -6.60 12.72 -1.05
C CYS A 10 -6.66 11.41 -1.78
N ILE A 11 -5.51 10.79 -1.91
CA ILE A 11 -5.37 9.47 -2.53
C ILE A 11 -5.65 8.39 -1.53
N ILE A 12 -6.67 7.58 -1.80
CA ILE A 12 -6.99 6.40 -1.01
C ILE A 12 -6.52 5.13 -1.69
N CYS A 13 -5.65 4.43 -0.99
CA CYS A 13 -5.19 3.11 -1.41
C CYS A 13 -5.96 2.00 -0.70
N VAL A 14 -6.35 0.95 -1.45
CA VAL A 14 -7.00 -0.20 -0.86
C VAL A 14 -6.04 -1.41 -0.93
N ALA A 15 -5.81 -1.92 0.26
CA ALA A 15 -4.96 -3.08 0.47
C ALA A 15 -5.91 -4.29 0.65
N ILE A 16 -6.12 -4.95 -0.46
CA ILE A 16 -7.29 -5.85 -0.63
C ILE A 16 -7.23 -7.20 0.07
N THR A 17 -6.03 -7.75 0.23
CA THR A 17 -5.85 -9.18 0.61
C THR A 17 -4.74 -9.42 1.60
N GLY A 18 -3.55 -8.91 1.28
CA GLY A 18 -2.41 -9.16 2.17
C GLY A 18 -1.93 -10.57 2.10
N SER A 19 -1.14 -10.94 3.11
N SER A 19 -1.14 -10.87 3.13
CA SER A 19 -0.65 -12.34 3.21
CA SER A 19 -0.49 -12.16 3.33
C SER A 19 -1.27 -13.12 4.33
C SER A 19 -1.23 -13.05 4.31
N VAL A 20 -1.77 -12.41 5.32
CA VAL A 20 -2.25 -13.08 6.56
C VAL A 20 -3.74 -13.42 6.65
N PRO A 21 -4.64 -12.50 6.38
CA PRO A 21 -6.05 -12.79 6.65
C PRO A 21 -6.61 -13.85 5.76
N THR A 22 -7.48 -14.65 6.34
CA THR A 22 -8.16 -15.71 5.64
C THR A 22 -9.63 -15.56 5.68
N LYS A 23 -10.28 -16.35 4.89
CA LYS A 23 -11.76 -16.38 4.92
C LYS A 23 -12.31 -16.87 6.28
N ALA A 24 -11.49 -17.62 7.02
CA ALA A 24 -11.86 -18.02 8.39
C ALA A 24 -11.87 -16.80 9.30
N ASP A 25 -10.98 -15.85 9.05
CA ASP A 25 -10.97 -14.63 9.84
C ASP A 25 -12.17 -13.74 9.52
N ASN A 26 -12.45 -13.65 8.24
CA ASN A 26 -13.59 -12.86 7.74
C ASN A 26 -13.95 -13.33 6.35
N PRO A 27 -15.19 -13.77 6.14
CA PRO A 27 -15.54 -14.32 4.83
C PRO A 27 -15.41 -13.39 3.64
N ALA A 28 -15.32 -12.09 3.94
CA ALA A 28 -15.16 -11.02 2.92
C ALA A 28 -13.77 -10.91 2.30
N VAL A 29 -12.80 -11.63 2.89
CA VAL A 29 -11.43 -11.51 2.37
C VAL A 29 -11.38 -12.14 1.00
N PRO A 30 -10.97 -11.39 -0.04
CA PRO A 30 -10.86 -11.95 -1.36
C PRO A 30 -9.54 -12.69 -1.53
N ILE A 31 -9.61 -13.93 -2.01
CA ILE A 31 -8.44 -14.82 -2.08
C ILE A 31 -8.10 -15.16 -3.51
N THR A 32 -9.09 -15.56 -4.32
CA THR A 32 -8.85 -15.94 -5.70
C THR A 32 -8.81 -14.69 -6.54
N VAL A 33 -8.24 -14.82 -7.72
CA VAL A 33 -8.18 -13.67 -8.65
C VAL A 33 -9.56 -13.09 -8.92
N SER A 34 -10.55 -13.93 -9.22
CA SER A 34 -11.87 -13.43 -9.50
C SER A 34 -12.44 -12.64 -8.31
N GLU A 35 -12.27 -13.22 -7.13
CA GLU A 35 -12.70 -12.53 -5.89
C GLU A 35 -12.03 -11.16 -5.76
N GLN A 36 -10.71 -11.18 -6.02
CA GLN A 36 -9.91 -9.95 -5.89
C GLN A 36 -10.35 -8.88 -6.88
N VAL A 37 -10.62 -9.29 -8.13
CA VAL A 37 -11.03 -8.32 -9.13
C VAL A 37 -12.36 -7.68 -8.73
N GLU A 38 -13.29 -8.53 -8.29
N GLU A 38 -13.30 -8.52 -8.30
CA GLU A 38 -14.62 -8.04 -7.90
CA GLU A 38 -14.63 -7.98 -7.91
C GLU A 38 -14.54 -7.11 -6.69
C GLU A 38 -14.53 -7.09 -6.68
N SER A 39 -13.75 -7.54 -5.72
CA SER A 39 -13.62 -6.75 -4.48
C SER A 39 -12.97 -5.38 -4.77
N THR A 40 -11.95 -5.44 -5.62
CA THR A 40 -11.19 -4.26 -6.02
C THR A 40 -12.05 -3.30 -6.84
N GLN A 41 -12.88 -3.85 -7.74
CA GLN A 41 -13.76 -3.01 -8.53
C GLN A 41 -14.71 -2.23 -7.66
N GLU A 42 -15.28 -2.90 -6.66
N GLU A 42 -15.27 -2.91 -6.66
CA GLU A 42 -16.21 -2.21 -5.81
CA GLU A 42 -16.24 -2.27 -5.77
C GLU A 42 -15.49 -1.08 -5.08
C GLU A 42 -15.54 -1.13 -4.99
N ALA A 43 -14.29 -1.40 -4.60
CA ALA A 43 -13.45 -0.42 -3.91
C ALA A 43 -13.07 0.79 -4.74
N PHE A 44 -12.76 0.52 -5.99
CA PHE A 44 -12.47 1.52 -7.02
C PHE A 44 -13.65 2.49 -7.21
N GLU A 45 -14.82 1.87 -7.35
CA GLU A 45 -16.09 2.58 -7.48
C GLU A 45 -16.36 3.44 -6.28
N ALA A 46 -15.96 2.95 -5.13
CA ALA A 46 -16.14 3.66 -3.86
C ALA A 46 -15.13 4.80 -3.63
N GLY A 47 -14.05 4.81 -4.42
CA GLY A 47 -13.11 5.93 -4.36
C GLY A 47 -11.64 5.59 -4.23
N ALA A 48 -11.28 4.33 -4.14
CA ALA A 48 -9.85 3.98 -4.06
C ALA A 48 -9.20 4.16 -5.44
N ALA A 49 -8.05 4.84 -5.46
CA ALA A 49 -7.26 5.06 -6.67
C ALA A 49 -6.10 4.12 -6.89
N ILE A 50 -5.68 3.46 -5.81
CA ILE A 50 -4.54 2.51 -5.85
C ILE A 50 -5.01 1.19 -5.28
N ALA A 51 -4.72 0.10 -5.97
CA ALA A 51 -4.87 -1.23 -5.41
C ALA A 51 -3.50 -1.79 -5.00
N HIS A 52 -3.34 -2.02 -3.70
CA HIS A 52 -2.13 -2.67 -3.14
C HIS A 52 -2.40 -4.16 -3.06
N CYS A 53 -1.67 -4.89 -3.87
CA CYS A 53 -1.98 -6.29 -4.21
C CYS A 53 -0.94 -7.28 -3.74
N HIS A 54 -1.46 -8.37 -3.16
CA HIS A 54 -0.79 -9.65 -2.95
C HIS A 54 -1.63 -10.66 -3.66
N VAL A 55 -1.03 -11.80 -3.92
CA VAL A 55 -1.70 -12.97 -4.49
C VAL A 55 -1.62 -14.11 -3.49
N ARG A 56 -2.52 -15.06 -3.68
CA ARG A 56 -2.62 -16.24 -2.80
C ARG A 56 -2.80 -17.48 -3.66
N ASN A 57 -2.39 -18.58 -3.11
CA ASN A 57 -2.86 -19.88 -3.63
C ASN A 57 -4.35 -19.97 -3.36
N ASP A 58 -5.00 -20.87 -4.10
N ASP A 58 -5.00 -20.89 -4.07
CA ASP A 58 -6.46 -21.02 -3.99
CA ASP A 58 -6.45 -21.00 -3.98
C ASP A 58 -6.90 -21.35 -2.57
C ASP A 58 -6.94 -21.53 -2.64
N ASP A 59 -6.00 -22.02 -1.84
CA ASP A 59 -6.30 -22.42 -0.45
C ASP A 59 -6.04 -21.28 0.52
N GLY A 60 -5.68 -20.14 -0.04
CA GLY A 60 -5.45 -18.94 0.76
C GLY A 60 -4.04 -18.75 1.29
N THR A 61 -3.17 -19.70 1.05
CA THR A 61 -1.77 -19.56 1.53
C THR A 61 -1.04 -18.52 0.71
N PRO A 62 -0.02 -17.90 1.31
CA PRO A 62 0.70 -16.86 0.57
C PRO A 62 1.41 -17.35 -0.67
N SER A 63 1.48 -16.44 -1.63
CA SER A 63 2.18 -16.71 -2.89
C SER A 63 2.85 -15.43 -3.36
N SER A 64 3.92 -15.63 -4.12
CA SER A 64 4.59 -14.61 -4.89
C SER A 64 4.58 -14.91 -6.37
N ASP A 65 3.74 -15.82 -6.81
CA ASP A 65 3.79 -16.29 -8.19
C ASP A 65 3.54 -15.18 -9.23
N PRO A 66 4.51 -14.91 -10.12
CA PRO A 66 4.30 -13.86 -11.11
C PRO A 66 3.07 -14.09 -12.00
N ASP A 67 2.80 -15.36 -12.27
CA ASP A 67 1.69 -15.64 -13.21
C ASP A 67 0.37 -15.23 -12.55
N ARG A 68 0.28 -15.38 -11.24
CA ARG A 68 -0.93 -14.97 -10.50
C ARG A 68 -1.05 -13.43 -10.49
N PHE A 69 0.10 -12.76 -10.31
CA PHE A 69 0.13 -11.28 -10.43
C PHE A 69 -0.31 -10.82 -11.82
N ALA A 70 0.11 -11.55 -12.82
CA ALA A 70 -0.20 -11.17 -14.22
C ALA A 70 -1.71 -11.29 -14.45
N ARG A 71 -2.25 -12.39 -13.98
N ARG A 71 -2.29 -12.38 -14.00
CA ARG A 71 -3.69 -12.63 -14.08
CA ARG A 71 -3.75 -12.53 -14.16
C ARG A 71 -4.49 -11.54 -13.37
C ARG A 71 -4.54 -11.51 -13.36
N LEU A 72 -4.09 -11.22 -12.15
CA LEU A 72 -4.75 -10.20 -11.40
C LEU A 72 -4.67 -8.84 -12.09
N THR A 73 -3.48 -8.51 -12.57
CA THR A 73 -3.25 -7.25 -13.30
C THR A 73 -4.18 -7.12 -14.53
N GLU A 74 -4.24 -8.19 -15.29
CA GLU A 74 -5.11 -8.15 -16.48
C GLU A 74 -6.56 -7.89 -16.07
N GLY A 75 -6.99 -8.55 -14.99
CA GLY A 75 -8.33 -8.32 -14.49
C GLY A 75 -8.57 -6.91 -14.03
N LEU A 76 -7.58 -6.33 -13.32
CA LEU A 76 -7.73 -4.98 -12.87
C LEU A 76 -7.68 -3.97 -14.04
N HIS A 77 -6.85 -4.24 -15.01
CA HIS A 77 -6.79 -3.35 -16.17
C HIS A 77 -8.08 -3.34 -16.95
N THR A 78 -8.75 -4.47 -16.99
N THR A 78 -8.72 -4.50 -16.98
CA THR A 78 -10.02 -4.57 -17.76
CA THR A 78 -9.98 -4.69 -17.71
C THR A 78 -11.24 -4.15 -16.97
C THR A 78 -11.13 -4.06 -16.97
N HIS A 79 -11.22 -4.39 -15.68
CA HIS A 79 -12.37 -4.03 -14.86
C HIS A 79 -12.27 -2.73 -14.10
N CYS A 80 -11.04 -2.30 -13.87
CA CYS A 80 -10.73 -1.06 -13.14
C CYS A 80 -9.79 -0.20 -13.96
N PRO A 81 -10.16 0.15 -15.18
CA PRO A 81 -9.24 0.88 -16.03
C PRO A 81 -8.86 2.20 -15.43
N GLY A 82 -7.55 2.44 -15.47
CA GLY A 82 -6.95 3.62 -14.91
C GLY A 82 -6.41 3.46 -13.48
N MSE A 83 -7.03 2.58 -12.73
CA MSE A 83 -6.64 2.36 -11.30
C MSE A 83 -5.12 2.04 -11.31
O MSE A 83 -4.61 1.29 -12.13
CB MSE A 83 -7.41 1.23 -10.69
CG MSE A 83 -7.30 1.20 -9.18
SE MSE A 83 -8.30 -0.29 -8.49
CE MSE A 83 -8.56 0.40 -6.68
N ILE A 84 -4.47 2.59 -10.30
CA ILE A 84 -3.02 2.32 -10.11
C ILE A 84 -2.82 0.96 -9.50
N VAL A 85 -2.02 0.13 -10.14
CA VAL A 85 -1.74 -1.23 -9.66
C VAL A 85 -0.38 -1.28 -8.99
N GLN A 86 -0.41 -1.59 -7.68
CA GLN A 86 0.80 -1.64 -6.83
C GLN A 86 0.99 -3.04 -6.32
N PHE A 87 2.10 -3.63 -6.69
CA PHE A 87 2.44 -4.96 -6.22
C PHE A 87 3.19 -4.94 -4.90
N SER A 88 2.87 -5.88 -4.02
N SER A 88 3.07 -6.00 -4.16
CA SER A 88 3.69 -6.15 -2.80
CA SER A 88 3.82 -6.09 -2.94
C SER A 88 5.00 -6.88 -3.17
C SER A 88 5.01 -7.01 -3.10
N THR A 89 6.09 -6.61 -2.45
CA THR A 89 7.34 -7.38 -2.47
C THR A 89 7.57 -7.96 -1.06
N GLY A 90 6.44 -8.26 -0.43
CA GLY A 90 6.38 -8.67 0.94
C GLY A 90 7.03 -9.92 1.24
N GLY A 91 7.63 -9.79 2.44
CA GLY A 91 8.42 -10.82 3.06
C GLY A 91 7.65 -11.94 3.71
N ARG A 92 6.34 -11.72 3.92
CA ARG A 92 5.44 -12.80 4.39
C ARG A 92 4.82 -13.53 3.20
N SER A 93 4.93 -12.93 2.01
CA SER A 93 4.35 -13.55 0.76
C SER A 93 5.38 -14.36 -0.05
N GLY A 94 6.65 -14.06 0.22
CA GLY A 94 7.82 -14.69 -0.45
C GLY A 94 9.12 -14.43 0.27
N ALA A 95 10.19 -15.09 -0.20
CA ALA A 95 11.57 -14.96 0.34
C ALA A 95 12.66 -14.67 -0.69
N GLY A 96 13.61 -13.84 -0.28
CA GLY A 96 14.74 -13.51 -1.12
C GLY A 96 14.34 -12.85 -2.47
N GLN A 97 15.07 -13.16 -3.54
CA GLN A 97 14.77 -12.57 -4.89
C GLN A 97 13.40 -12.98 -5.43
N ALA A 98 12.81 -14.03 -4.89
CA ALA A 98 11.41 -14.34 -5.27
C ALA A 98 10.50 -13.18 -4.98
N ARG A 99 10.87 -12.39 -3.98
CA ARG A 99 10.06 -11.23 -3.59
C ARG A 99 10.03 -10.12 -4.64
N GLY A 100 10.93 -10.26 -5.62
CA GLY A 100 10.94 -9.34 -6.75
C GLY A 100 10.60 -9.93 -8.12
N GLY A 101 10.17 -11.19 -8.10
CA GLY A 101 9.94 -11.93 -9.38
C GLY A 101 8.79 -11.46 -10.24
N MSE A 102 7.91 -10.69 -9.64
CA MSE A 102 6.74 -10.11 -10.30
C MSE A 102 7.07 -8.77 -10.93
O MSE A 102 6.25 -8.21 -11.67
CB MSE A 102 5.56 -9.98 -9.32
CG MSE A 102 5.70 -8.93 -8.23
SE MSE A 102 7.06 -9.06 -6.93
CE MSE A 102 6.46 -10.57 -5.93
N LEU A 103 8.22 -8.20 -10.57
CA LEU A 103 8.54 -6.85 -11.05
C LEU A 103 8.66 -6.69 -12.57
N PRO A 104 9.13 -7.73 -13.27
CA PRO A 104 9.22 -7.56 -14.72
C PRO A 104 7.90 -7.38 -15.40
N LEU A 105 6.78 -7.61 -14.70
CA LEU A 105 5.47 -7.31 -15.24
C LEU A 105 5.17 -5.84 -15.39
N LYS A 106 6.03 -5.01 -14.82
CA LYS A 106 5.90 -3.56 -14.93
C LYS A 106 4.58 -3.03 -14.40
N PRO A 107 4.28 -3.30 -13.13
CA PRO A 107 3.19 -2.63 -12.48
C PRO A 107 3.44 -1.12 -12.41
N ASP A 108 2.42 -0.36 -12.09
CA ASP A 108 2.62 1.09 -11.87
C ASP A 108 3.61 1.33 -10.72
N MSE A 109 3.39 0.57 -9.65
CA MSE A 109 4.12 0.77 -8.40
C MSE A 109 4.38 -0.57 -7.74
O MSE A 109 3.81 -1.60 -8.09
CB MSE A 109 3.32 1.58 -7.40
CG MSE A 109 2.84 2.92 -7.88
SE MSE A 109 2.06 4.04 -6.48
CE MSE A 109 3.63 4.85 -5.81
N ALA A 110 5.28 -0.57 -6.74
CA ALA A 110 5.48 -1.73 -5.88
C ALA A 110 5.84 -1.23 -4.51
N SER A 111 5.32 -1.91 -3.50
N SER A 111 5.29 -1.86 -3.46
CA SER A 111 5.69 -1.65 -2.12
CA SER A 111 5.67 -1.52 -2.09
C SER A 111 7.15 -2.05 -1.93
C SER A 111 7.07 -2.08 -1.84
N LEU A 112 7.82 -1.36 -1.04
CA LEU A 112 9.20 -1.68 -0.75
C LEU A 112 9.57 -1.31 0.69
N SER A 113 10.09 -2.25 1.44
CA SER A 113 10.73 -1.94 2.72
C SER A 113 12.22 -1.63 2.48
N VAL A 114 12.72 -0.62 3.18
CA VAL A 114 14.11 -0.22 3.14
C VAL A 114 14.85 -0.44 4.43
N GLY A 115 14.13 -1.00 5.39
CA GLY A 115 14.69 -1.40 6.70
C GLY A 115 14.04 -2.64 7.19
N SER A 116 14.52 -3.09 8.37
CA SER A 116 13.92 -4.26 9.04
C SER A 116 13.32 -3.81 10.35
N ASN A 117 12.55 -4.72 10.92
CA ASN A 117 11.80 -4.42 12.13
C ASN A 117 11.11 -5.72 12.58
N ASN A 118 10.67 -5.74 13.83
CA ASN A 118 9.88 -6.85 14.28
C ASN A 118 8.42 -6.78 13.81
N PHE A 119 7.83 -7.96 13.79
CA PHE A 119 6.45 -8.22 13.37
C PHE A 119 5.82 -9.03 14.49
N PRO A 120 4.56 -9.44 14.31
CA PRO A 120 3.84 -10.03 15.43
C PRO A 120 4.52 -11.27 16.03
N SER A 121 5.11 -12.05 15.13
N SER A 121 5.08 -12.11 15.16
CA SER A 121 5.70 -13.36 15.51
CA SER A 121 5.78 -13.33 15.62
C SER A 121 7.08 -13.65 14.98
C SER A 121 7.06 -13.67 14.87
N ARG A 122 7.70 -12.64 14.37
CA ARG A 122 8.96 -12.82 13.69
C ARG A 122 9.64 -11.51 13.45
N VAL A 123 10.90 -11.61 13.04
CA VAL A 123 11.63 -10.49 12.43
C VAL A 123 11.13 -10.36 11.01
N TYR A 124 10.76 -9.16 10.61
CA TYR A 124 10.44 -8.86 9.19
C TYR A 124 11.78 -8.47 8.53
N GLU A 125 12.36 -9.46 7.87
N GLU A 125 12.35 -9.46 7.86
CA GLU A 125 13.70 -9.39 7.39
CA GLU A 125 13.72 -9.39 7.33
C GLU A 125 13.76 -8.71 6.02
C GLU A 125 13.87 -8.78 5.95
N ASN A 126 14.58 -7.67 5.95
CA ASN A 126 14.88 -6.93 4.73
C ASN A 126 16.36 -6.62 4.68
N PRO A 127 17.17 -7.61 4.35
CA PRO A 127 18.59 -7.35 4.41
C PRO A 127 19.00 -6.32 3.41
N PRO A 128 20.05 -5.53 3.75
CA PRO A 128 20.44 -4.46 2.84
C PRO A 128 20.68 -4.91 1.40
N ASP A 129 21.21 -6.08 1.19
CA ASP A 129 21.47 -6.53 -0.17
C ASP A 129 20.17 -6.75 -0.91
N LEU A 130 19.15 -7.24 -0.24
CA LEU A 130 17.84 -7.45 -0.85
C LEU A 130 17.18 -6.11 -1.14
N VAL A 131 17.24 -5.18 -0.23
CA VAL A 131 16.69 -3.87 -0.47
C VAL A 131 17.31 -3.26 -1.73
N ASP A 132 18.63 -3.35 -1.81
CA ASP A 132 19.33 -2.75 -2.95
C ASP A 132 18.96 -3.45 -4.25
N TRP A 133 18.82 -4.74 -4.22
CA TRP A 133 18.44 -5.50 -5.41
C TRP A 133 17.04 -5.15 -5.86
N LEU A 134 16.11 -5.14 -4.94
CA LEU A 134 14.72 -4.79 -5.27
C LEU A 134 14.67 -3.38 -5.84
N ALA A 135 15.41 -2.48 -5.23
CA ALA A 135 15.41 -1.10 -5.74
C ALA A 135 15.96 -1.04 -7.16
N ALA A 136 17.00 -1.80 -7.43
CA ALA A 136 17.62 -1.82 -8.78
C ALA A 136 16.64 -2.37 -9.78
N GLN A 137 15.93 -3.40 -9.41
CA GLN A 137 14.89 -3.97 -10.30
C GLN A 137 13.82 -2.95 -10.59
N MSE A 138 13.44 -2.19 -9.58
CA MSE A 138 12.41 -1.15 -9.81
C MSE A 138 12.95 -0.03 -10.70
O MSE A 138 12.21 0.53 -11.52
CB MSE A 138 11.84 -0.60 -8.51
CG MSE A 138 11.06 -1.72 -7.75
SE MSE A 138 10.30 -1.03 -6.13
CE MSE A 138 10.02 -2.75 -5.29
N ARG A 139 14.22 0.31 -10.62
CA ARG A 139 14.80 1.26 -11.57
C ARG A 139 14.76 0.70 -12.98
N SER A 140 15.20 -0.54 -13.12
N SER A 140 15.13 -0.56 -13.12
CA SER A 140 15.24 -1.19 -14.44
CA SER A 140 15.23 -1.16 -14.44
C SER A 140 13.87 -1.15 -15.12
C SER A 140 13.89 -1.26 -15.15
N TYR A 141 12.85 -1.58 -14.37
CA TYR A 141 11.49 -1.72 -14.90
C TYR A 141 10.64 -0.51 -14.75
N ARG A 142 11.22 0.58 -14.28
CA ARG A 142 10.52 1.87 -14.08
C ARG A 142 9.23 1.72 -13.28
N VAL A 143 9.39 1.10 -12.09
CA VAL A 143 8.31 0.85 -11.17
C VAL A 143 8.53 1.76 -9.99
N THR A 144 7.58 2.65 -9.71
CA THR A 144 7.75 3.63 -8.62
C THR A 144 7.49 2.90 -7.30
N PRO A 145 8.44 2.93 -6.37
CA PRO A 145 8.16 2.35 -5.07
C PRO A 145 7.23 3.16 -4.22
N GLU A 146 6.48 2.47 -3.37
CA GLU A 146 5.90 3.07 -2.18
C GLU A 146 6.67 2.49 -1.03
N ILE A 147 7.35 3.33 -0.27
CA ILE A 147 8.18 2.87 0.82
C ILE A 147 7.31 2.55 2.02
N GLU A 148 7.44 1.35 2.57
N GLU A 148 7.38 1.31 2.50
CA GLU A 148 6.66 0.92 3.71
CA GLU A 148 6.65 0.93 3.71
C GLU A 148 7.55 1.12 4.92
C GLU A 148 7.57 1.13 4.90
N ALA A 149 7.38 2.25 5.57
CA ALA A 149 8.23 2.65 6.70
C ALA A 149 7.59 2.19 8.01
N PHE A 150 8.22 1.21 8.63
CA PHE A 150 7.75 0.61 9.88
C PHE A 150 8.40 1.24 11.12
N ASP A 151 9.31 2.16 10.88
CA ASP A 151 10.03 2.86 11.97
C ASP A 151 10.68 4.12 11.43
N LEU A 152 11.15 4.98 12.34
CA LEU A 152 11.65 6.27 11.95
C LEU A 152 12.85 6.20 11.02
N SER A 153 13.80 5.34 11.32
CA SER A 153 15.01 5.30 10.49
C SER A 153 14.66 4.90 9.08
N HIS A 154 13.55 4.20 8.88
CA HIS A 154 13.17 3.80 7.50
C HIS A 154 12.78 4.98 6.65
N ILE A 155 12.16 5.95 7.29
CA ILE A 155 11.78 7.21 6.63
C ILE A 155 13.05 7.96 6.22
N LEU A 156 13.99 8.08 7.13
CA LEU A 156 15.23 8.79 6.86
C LEU A 156 16.04 8.11 5.78
N ARG A 157 16.10 6.78 5.85
CA ARG A 157 16.81 5.97 4.87
C ARG A 157 16.22 6.19 3.47
N ALA A 158 14.91 6.17 3.41
CA ALA A 158 14.24 6.36 2.11
C ALA A 158 14.59 7.73 1.53
N ILE A 159 14.55 8.78 2.37
CA ILE A 159 14.91 10.12 1.94
C ILE A 159 16.32 10.19 1.40
N ASP A 160 17.24 9.58 2.14
CA ASP A 160 18.64 9.52 1.69
C ASP A 160 18.79 8.76 0.39
N MSE A 161 18.16 7.60 0.34
CA MSE A 161 18.21 6.79 -0.87
C MSE A 161 17.69 7.54 -2.07
O MSE A 161 18.24 7.46 -3.19
CB MSE A 161 17.43 5.49 -0.69
CG MSE A 161 18.14 4.46 0.20
SE MSE A 161 17.01 2.93 0.56
CE MSE A 161 17.20 2.01 -1.13
N HIS A 162 16.56 8.19 -1.90
CA HIS A 162 15.97 8.90 -2.99
C HIS A 162 16.87 9.99 -3.52
N GLY A 163 17.50 10.71 -2.62
CA GLY A 163 18.42 11.82 -3.01
C GLY A 163 19.60 11.34 -3.79
N ARG A 164 19.99 10.10 -3.50
N ARG A 164 19.97 10.10 -3.63
CA ARG A 164 21.15 9.36 -4.10
CA ARG A 164 21.15 9.63 -4.32
C ARG A 164 20.82 8.59 -5.41
C ARG A 164 20.83 8.86 -5.58
N GLY A 165 19.56 8.64 -5.81
CA GLY A 165 19.10 8.00 -7.05
C GLY A 165 18.68 6.55 -6.99
N LEU A 166 18.71 5.98 -5.78
N LEU A 166 18.68 5.99 -5.78
CA LEU A 166 18.41 4.56 -5.64
CA LEU A 166 18.38 4.57 -5.64
C LEU A 166 16.94 4.21 -5.88
C LEU A 166 16.93 4.21 -5.89
N LEU A 167 16.05 5.16 -5.66
CA LEU A 167 14.60 4.93 -5.71
C LEU A 167 13.99 5.58 -6.94
N TYR A 168 13.44 4.73 -7.78
CA TYR A 168 12.90 5.16 -9.08
C TYR A 168 11.75 6.13 -8.86
N GLY A 169 11.62 7.11 -9.73
CA GLY A 169 10.48 8.02 -9.70
C GLY A 169 10.46 8.96 -8.56
N LYS A 170 9.25 9.43 -8.25
N LYS A 170 9.26 9.43 -8.26
CA LYS A 170 9.00 10.39 -7.20
CA LYS A 170 8.99 10.40 -7.19
C LYS A 170 8.84 9.63 -5.89
C LYS A 170 8.77 9.67 -5.87
N LEU A 171 9.36 10.23 -4.82
CA LEU A 171 9.34 9.60 -3.49
C LEU A 171 7.91 9.59 -2.91
N TYR A 172 7.47 8.40 -2.49
CA TYR A 172 6.19 8.20 -1.80
C TYR A 172 6.46 7.31 -0.59
N VAL A 173 6.26 7.85 0.62
CA VAL A 173 6.57 7.12 1.88
C VAL A 173 5.28 6.89 2.62
N GLN A 174 5.06 5.63 3.01
CA GLN A 174 3.93 5.23 3.85
C GLN A 174 4.36 4.95 5.27
N PHE A 175 3.75 5.65 6.22
CA PHE A 175 3.99 5.41 7.62
C PHE A 175 3.07 4.24 8.02
N VAL A 176 3.59 3.08 8.37
CA VAL A 176 2.77 1.91 8.75
C VAL A 176 2.79 1.82 10.25
N MSE A 177 1.63 1.99 10.87
CA MSE A 177 1.50 2.08 12.32
C MSE A 177 0.49 1.09 12.86
O MSE A 177 -0.55 0.85 12.30
CB MSE A 177 1.10 3.52 12.73
CG MSE A 177 2.02 4.54 12.12
SE MSE A 177 1.65 6.39 12.70
CE MSE A 177 3.02 6.53 14.05
N GLY A 178 0.81 0.56 14.02
CA GLY A 178 -0.07 -0.39 14.72
C GLY A 178 0.26 -1.87 14.55
N VAL A 179 1.37 -2.18 13.88
CA VAL A 179 1.78 -3.59 13.72
C VAL A 179 2.43 -3.97 15.06
N LYS A 180 1.98 -5.10 15.55
CA LYS A 180 2.50 -5.64 16.83
C LYS A 180 4.01 -5.87 16.71
N ASN A 181 4.69 -5.31 17.69
CA ASN A 181 6.17 -5.38 17.83
C ASN A 181 6.95 -4.45 16.96
N ALA A 182 6.23 -3.65 16.19
CA ALA A 182 6.83 -2.61 15.35
C ALA A 182 6.51 -1.24 15.98
N MSE A 183 6.04 -0.31 15.15
N MSE A 183 6.06 -0.30 15.17
CA MSE A 183 5.68 1.02 15.63
CA MSE A 183 5.71 1.04 15.64
C MSE A 183 4.20 1.11 15.90
C MSE A 183 4.21 1.12 15.91
O MSE A 183 3.38 0.87 15.00
O MSE A 183 3.42 0.87 14.99
CB MSE A 183 6.01 2.06 14.55
CB MSE A 183 6.04 2.07 14.58
CG MSE A 183 5.52 3.46 14.88
CG MSE A 183 5.85 3.54 14.95
SE MSE A 183 6.31 4.18 16.45
SE MSE A 183 6.76 4.16 16.56
CE MSE A 183 8.12 4.64 15.67
CE MSE A 183 5.20 4.33 17.68
N PRO A 184 3.80 1.47 17.13
CA PRO A 184 2.38 1.67 17.40
C PRO A 184 1.84 2.92 16.75
N ALA A 185 0.53 2.98 16.71
CA ALA A 185 -0.14 4.19 16.24
C ALA A 185 -0.08 5.20 17.38
N ASP A 186 0.88 6.09 17.29
CA ASP A 186 1.24 7.06 18.35
C ASP A 186 1.19 8.43 17.69
N ARG A 187 0.32 9.29 18.17
CA ARG A 187 0.07 10.55 17.49
C ARG A 187 1.32 11.45 17.46
N GLU A 188 2.07 11.49 18.55
CA GLU A 188 3.26 12.31 18.60
C GLU A 188 4.26 11.83 17.59
N VAL A 189 4.43 10.50 17.50
CA VAL A 189 5.32 9.96 16.45
C VAL A 189 4.81 10.32 15.05
N PHE A 190 3.51 10.21 14.85
CA PHE A 190 2.92 10.57 13.57
C PHE A 190 3.29 12.01 13.20
N ASP A 191 3.12 12.92 14.14
CA ASP A 191 3.41 14.31 13.85
C ASP A 191 4.87 14.53 13.54
N PHE A 192 5.73 13.78 14.24
CA PHE A 192 7.21 13.82 13.92
C PHE A 192 7.53 13.27 12.53
N TYR A 193 6.89 12.15 12.18
CA TYR A 193 6.98 11.60 10.86
C TYR A 193 6.64 12.66 9.77
N VAL A 194 5.48 13.29 9.97
CA VAL A 194 5.01 14.33 9.06
C VAL A 194 6.02 15.46 8.99
N ARG A 195 6.54 15.87 10.13
CA ARG A 195 7.60 16.89 10.17
C ARG A 195 8.82 16.48 9.35
N MSE A 196 9.28 15.23 9.51
CA MSE A 196 10.41 14.76 8.70
C MSE A 196 10.13 14.88 7.22
O MSE A 196 10.92 15.38 6.45
CB MSE A 196 10.75 13.31 9.06
CG MSE A 196 11.32 13.14 10.47
SE MSE A 196 13.04 13.98 10.79
CE MSE A 196 12.39 15.60 11.59
N MSE A 197 8.98 14.42 6.80
CA MSE A 197 8.66 14.53 5.37
C MSE A 197 8.58 15.97 4.88
O MSE A 197 9.18 16.32 3.83
CB MSE A 197 7.32 13.86 5.03
CG MSE A 197 7.39 12.33 5.20
SE MSE A 197 8.73 11.39 4.21
CE MSE A 197 8.12 11.77 2.39
N ARG A 198 7.88 16.80 5.63
CA ARG A 198 7.70 18.21 5.20
C ARG A 198 9.02 18.96 5.15
N THR A 199 9.91 18.65 6.09
CA THR A 199 11.15 19.42 6.21
C THR A 199 12.33 18.85 5.47
N ARG A 200 12.40 17.53 5.42
CA ARG A 200 13.53 16.80 4.81
C ARG A 200 13.26 16.39 3.38
N ALA A 201 12.00 16.31 3.00
CA ALA A 201 11.59 15.88 1.65
C ALA A 201 10.34 16.59 1.17
N PRO A 202 10.41 17.94 1.13
CA PRO A 202 9.20 18.69 0.82
C PRO A 202 8.53 18.45 -0.53
N GLN A 203 9.29 17.91 -1.46
CA GLN A 203 8.79 17.60 -2.81
C GLN A 203 8.12 16.23 -2.87
N ALA A 204 8.37 15.42 -1.86
CA ALA A 204 7.83 14.04 -1.79
C ALA A 204 6.40 14.04 -1.32
N GLU A 205 5.73 12.93 -1.52
CA GLU A 205 4.39 12.71 -0.94
C GLU A 205 4.47 11.64 0.13
N TRP A 206 3.48 11.65 1.02
CA TRP A 206 3.36 10.64 2.07
C TRP A 206 1.96 10.20 2.28
N CYS A 207 1.86 9.02 2.87
N CYS A 207 1.91 9.04 2.90
CA CYS A 207 0.60 8.50 3.32
CA CYS A 207 0.71 8.26 3.19
C CYS A 207 0.82 7.79 4.61
C CYS A 207 0.84 7.67 4.59
N ALA A 208 -0.29 7.37 5.23
CA ALA A 208 -0.22 6.61 6.47
C ALA A 208 -1.28 5.52 6.49
N ALA A 209 -0.92 4.41 7.07
CA ALA A 209 -1.77 3.22 7.19
C ALA A 209 -1.73 2.73 8.63
N GLY A 210 -2.89 2.47 9.19
CA GLY A 210 -3.02 1.85 10.51
C GLY A 210 -3.57 0.47 10.47
N ILE A 211 -3.12 -0.34 11.39
CA ILE A 211 -3.53 -1.75 11.48
C ILE A 211 -4.67 -1.89 12.50
N GLY A 212 -5.60 -2.76 12.12
CA GLY A 212 -6.67 -3.11 13.09
C GLY A 212 -7.47 -1.94 13.50
N ALA A 213 -7.66 -1.81 14.82
CA ALA A 213 -8.45 -0.75 15.36
C ALA A 213 -7.83 0.61 15.11
N ASN A 214 -6.58 0.63 14.68
CA ASN A 214 -5.95 1.91 14.36
C ASN A 214 -6.13 2.36 12.90
N GLN A 215 -6.73 1.53 12.06
CA GLN A 215 -6.93 1.86 10.64
C GLN A 215 -7.70 3.17 10.48
N LEU A 216 -8.85 3.26 11.13
CA LEU A 216 -9.72 4.42 11.00
C LEU A 216 -9.07 5.67 11.61
N THR A 217 -8.44 5.48 12.76
CA THR A 217 -7.76 6.57 13.44
C THR A 217 -6.64 7.16 12.58
N VAL A 218 -5.83 6.29 11.98
CA VAL A 218 -4.70 6.75 11.18
C VAL A 218 -5.22 7.37 9.86
N ASN A 219 -6.31 6.84 9.33
CA ASN A 219 -6.95 7.50 8.19
C ASN A 219 -7.20 8.98 8.55
N GLU A 220 -7.81 9.20 9.72
CA GLU A 220 -8.19 10.56 10.13
C GLU A 220 -6.97 11.44 10.30
N TRP A 221 -5.97 10.87 10.96
CA TRP A 221 -4.72 11.63 11.13
C TRP A 221 -4.11 12.06 9.80
N ALA A 222 -4.00 11.13 8.87
CA ALA A 222 -3.44 11.42 7.57
C ALA A 222 -4.26 12.44 6.81
N ILE A 223 -5.56 12.21 6.77
CA ILE A 223 -6.46 13.06 5.95
C ILE A 223 -6.44 14.50 6.48
N ALA A 224 -6.50 14.62 7.80
CA ALA A 224 -6.54 15.97 8.43
C ALA A 224 -5.24 16.69 8.27
N ALA A 225 -4.14 15.96 8.20
CA ALA A 225 -2.80 16.54 8.04
C ALA A 225 -2.36 16.82 6.60
N GLY A 226 -3.20 16.48 5.64
CA GLY A 226 -2.98 16.77 4.24
C GLY A 226 -2.34 15.68 3.42
N GLY A 227 -2.12 14.54 4.03
CA GLY A 227 -1.48 13.41 3.37
C GLY A 227 -2.48 12.50 2.75
N HIS A 228 -2.03 11.34 2.38
CA HIS A 228 -2.81 10.31 1.70
C HIS A 228 -2.93 9.12 2.64
N THR A 229 -3.77 8.14 2.27
CA THR A 229 -3.99 7.07 3.24
C THR A 229 -4.36 5.78 2.57
N ARG A 230 -4.37 4.75 3.38
CA ARG A 230 -4.67 3.36 2.97
C ARG A 230 -5.67 2.78 3.89
N THR A 231 -6.47 1.89 3.34
CA THR A 231 -7.40 1.08 4.13
C THR A 231 -7.50 -0.31 3.46
N GLY A 232 -8.41 -1.16 3.93
CA GLY A 232 -8.60 -2.49 3.38
C GLY A 232 -8.42 -3.63 4.34
N LEU A 233 -8.91 -4.78 3.88
CA LEU A 233 -8.92 -6.00 4.69
C LEU A 233 -7.54 -6.56 5.04
N GLU A 234 -6.55 -6.28 4.21
CA GLU A 234 -5.19 -6.63 4.54
C GLU A 234 -4.83 -6.15 5.91
N ASP A 235 -5.22 -4.92 6.18
CA ASP A 235 -4.81 -4.20 7.41
C ASP A 235 -5.74 -4.30 8.60
N ASN A 236 -7.00 -4.55 8.32
CA ASN A 236 -8.05 -4.56 9.35
C ASN A 236 -9.26 -5.26 8.79
N ILE A 237 -9.82 -6.17 9.60
CA ILE A 237 -10.97 -6.97 9.15
C ILE A 237 -12.26 -6.57 9.88
N ARG A 238 -12.20 -5.60 10.77
CA ARG A 238 -13.36 -5.22 11.62
C ARG A 238 -13.75 -3.79 11.53
N LEU A 239 -14.93 -3.52 12.01
CA LEU A 239 -15.51 -2.15 12.06
C LEU A 239 -15.52 -1.57 13.47
N ASP A 240 -15.28 -2.41 14.42
CA ASP A 240 -15.19 -2.08 15.85
C ASP A 240 -14.57 -3.26 16.53
N ARG A 241 -14.71 -3.38 17.84
CA ARG A 241 -14.01 -4.48 18.56
C ARG A 241 -14.37 -5.85 18.03
N GLN A 242 -15.62 -5.94 17.56
CA GLN A 242 -16.17 -7.26 17.17
C GLN A 242 -16.72 -7.43 15.76
N THR A 243 -17.35 -6.39 15.26
CA THR A 243 -18.12 -6.47 14.02
C THR A 243 -17.22 -6.64 12.81
N LEU A 244 -17.47 -7.64 12.00
CA LEU A 244 -16.67 -7.83 10.79
C LEU A 244 -17.02 -6.84 9.73
N ALA A 245 -16.03 -6.37 9.00
CA ALA A 245 -16.25 -5.50 7.83
C ALA A 245 -16.70 -6.35 6.67
N PRO A 246 -17.76 -5.91 5.92
CA PRO A 246 -18.31 -6.82 4.92
C PRO A 246 -17.66 -6.80 3.58
N SER A 247 -16.76 -5.84 3.40
CA SER A 247 -16.07 -5.68 2.08
C SER A 247 -14.92 -4.73 2.20
N ASN A 248 -14.01 -4.80 1.23
CA ASN A 248 -13.01 -3.74 1.05
C ASN A 248 -13.66 -2.36 0.83
N ALA A 249 -14.69 -2.33 -0.02
CA ALA A 249 -15.37 -1.07 -0.32
C ALA A 249 -15.93 -0.39 0.93
N ALA A 250 -16.46 -1.19 1.85
CA ALA A 250 -17.00 -0.60 3.10
C ALA A 250 -15.95 0.18 3.85
N LEU A 251 -14.73 -0.36 3.83
CA LEU A 251 -13.58 0.30 4.50
C LEU A 251 -13.17 1.58 3.73
N VAL A 252 -13.18 1.51 2.42
CA VAL A 252 -12.94 2.69 1.59
C VAL A 252 -13.95 3.82 1.90
N ARG A 253 -15.23 3.42 2.01
N ARG A 253 -15.21 3.42 2.08
CA ARG A 253 -16.30 4.41 2.25
CA ARG A 253 -16.30 4.40 2.36
C ARG A 253 -16.04 5.16 3.54
C ARG A 253 -16.08 5.13 3.67
N ARG A 254 -15.49 4.48 4.53
N ARG A 254 -15.46 4.45 4.62
CA ARG A 254 -15.15 5.16 5.80
CA ARG A 254 -15.11 5.12 5.89
C ARG A 254 -14.09 6.24 5.60
C ARG A 254 -14.08 6.21 5.63
N SER A 255 -13.11 5.89 4.78
CA SER A 255 -12.07 6.86 4.44
C SER A 255 -12.65 8.06 3.69
N VAL A 256 -13.55 7.74 2.77
CA VAL A 256 -14.24 8.81 1.97
C VAL A 256 -15.01 9.75 2.89
N GLU A 257 -15.67 9.20 3.88
N GLU A 257 -15.61 9.17 3.92
CA GLU A 257 -16.42 10.06 4.80
CA GLU A 257 -16.41 9.95 4.88
C GLU A 257 -15.47 11.00 5.48
C GLU A 257 -15.55 10.89 5.65
N LEU A 258 -14.30 10.50 5.86
CA LEU A 258 -13.32 11.40 6.50
C LEU A 258 -12.80 12.48 5.58
N CYS A 259 -12.66 12.16 4.32
CA CYS A 259 -12.31 13.17 3.32
C CYS A 259 -13.39 14.26 3.28
N ASP A 260 -14.63 13.80 3.32
CA ASP A 260 -15.76 14.77 3.31
C ASP A 260 -15.72 15.67 4.54
N LYS A 261 -15.45 15.06 5.66
CA LYS A 261 -15.34 15.78 6.94
C LYS A 261 -14.31 16.88 6.93
N TYR A 262 -13.19 16.64 6.27
CA TYR A 262 -12.10 17.56 6.21
C TYR A 262 -12.07 18.36 4.92
N GLN A 263 -13.15 18.23 4.19
CA GLN A 263 -13.33 19.08 2.99
C GLN A 263 -12.24 18.90 1.96
N ARG A 264 -11.85 17.64 1.81
CA ARG A 264 -10.87 17.27 0.78
C ARG A 264 -11.49 16.38 -0.22
N PRO A 265 -11.32 16.70 -1.51
CA PRO A 265 -11.84 15.79 -2.48
C PRO A 265 -11.05 14.50 -2.46
N VAL A 266 -11.73 13.45 -2.81
CA VAL A 266 -11.13 12.11 -3.06
C VAL A 266 -10.46 12.20 -4.41
N ALA A 267 -9.15 11.93 -4.43
CA ALA A 267 -8.39 11.96 -5.68
C ALA A 267 -8.92 10.93 -6.66
N SER A 268 -9.15 11.35 -7.89
CA SER A 268 -9.46 10.43 -8.96
C SER A 268 -8.21 9.65 -9.29
N TRP A 269 -8.35 8.57 -10.05
CA TRP A 269 -7.15 7.83 -10.47
C TRP A 269 -6.25 8.69 -11.34
N GLN A 270 -6.83 9.60 -12.11
CA GLN A 270 -6.03 10.47 -12.95
C GLN A 270 -5.20 11.43 -12.07
N GLN A 271 -5.85 12.02 -11.08
CA GLN A 271 -5.16 12.89 -10.14
C GLN A 271 -4.07 12.15 -9.39
N ALA A 272 -4.39 10.94 -8.95
CA ALA A 272 -3.43 10.16 -8.20
C ALA A 272 -2.19 9.88 -9.02
N ARG A 273 -2.38 9.53 -10.27
CA ARG A 273 -1.24 9.28 -11.19
C ARG A 273 -0.37 10.51 -11.31
N GLU A 274 -1.01 11.65 -11.50
N GLU A 274 -1.05 11.64 -11.39
CA GLU A 274 -0.29 12.94 -11.65
CA GLU A 274 -0.40 12.93 -11.56
C GLU A 274 0.45 13.34 -10.36
C GLU A 274 0.48 13.18 -10.38
N ILE A 275 -0.19 13.17 -9.23
CA ILE A 275 0.41 13.49 -7.94
C ILE A 275 1.67 12.66 -7.68
N LEU A 276 1.57 11.39 -8.02
CA LEU A 276 2.62 10.42 -7.73
C LEU A 276 3.66 10.30 -8.84
N GLY A 277 3.51 11.11 -9.90
CA GLY A 277 4.48 11.06 -10.98
C GLY A 277 4.49 9.78 -11.83
N LEU A 278 3.35 9.11 -11.88
CA LEU A 278 3.17 7.90 -12.65
C LEU A 278 2.78 8.17 -14.12
N PRO A 279 2.99 7.20 -14.99
CA PRO A 279 2.41 7.45 -16.33
C PRO A 279 0.90 7.62 -16.28
N ALA A 280 0.40 8.39 -17.22
CA ALA A 280 -1.02 8.72 -17.29
C ALA A 280 -1.91 7.52 -17.56
N ALA A 281 -1.35 6.52 -18.19
CA ALA A 281 -1.99 5.25 -18.43
C ALA A 281 -1.06 4.12 -18.01
N ALA A 282 -1.64 3.06 -17.49
CA ALA A 282 -0.90 1.85 -17.16
C ALA A 282 -0.20 1.33 -18.37
N ARG A 283 1.02 0.90 -18.13
CA ARG A 283 1.73 0.06 -19.04
C ARG A 283 1.13 -1.30 -18.99
N ASN A 284 1.00 -1.68 -20.22
CA ASN A 284 0.56 -2.93 -20.56
C ASN A 284 -0.81 -3.03 -19.95
ZN ZN B . -2.92 -4.43 -19.04
ZN ZN C . 0.70 -5.64 1.67
CL CL D . 4.65 -12.28 11.98
CL CL E . -20.48 0.73 3.24
#